data_8Z7K
#
_entry.id   8Z7K
#
_cell.length_a   82.721
_cell.length_b   82.721
_cell.length_c   64.066
_cell.angle_alpha   90
_cell.angle_beta   90
_cell.angle_gamma   120
#
_symmetry.space_group_name_H-M   'P 6'
#
loop_
_entity.id
_entity.type
_entity.pdbx_description
1 polymer 'Hcp family type VI secretion system effector'
2 non-polymer 'SULFATE ION'
3 water water
#
_entity_poly.entity_id   1
_entity_poly.type   'polypeptide(L)'
_entity_poly.pdbx_seq_one_letter_code
;MAAHHHHHHLAGIYLKVKGKTTGEIKGSVVQEGHDGKIHILAFKNDYDMPARLQEGLTPAAAARGTITLTKEMDRSSPQF
LQALGKREMMEEFEITIYSPKADKETGGDLTELLFTYKFEKVLITHMDQYSPTPHKDDSNGIKEGLLGYIEEIKFTYSGY
SLEHAESGIAGAANWKNG
;
_entity_poly.pdbx_strand_id   A,B
#
loop_
_chem_comp.id
_chem_comp.type
_chem_comp.name
_chem_comp.formula
SO4 non-polymer 'SULFATE ION' 'O4 S -2'
#
# COMPACT_ATOMS: atom_id res chain seq x y z
N LEU A 10 43.44 -10.08 -5.91
CA LEU A 10 43.27 -10.34 -7.36
C LEU A 10 42.00 -9.66 -7.86
N ALA A 11 41.97 -9.29 -9.15
CA ALA A 11 40.89 -8.48 -9.71
C ALA A 11 39.65 -9.36 -9.93
N GLY A 12 38.45 -8.73 -9.91
CA GLY A 12 37.21 -9.38 -10.28
C GLY A 12 36.11 -9.26 -9.22
N ILE A 13 35.12 -10.14 -9.35
CA ILE A 13 33.88 -10.12 -8.59
C ILE A 13 33.92 -11.26 -7.59
N TYR A 14 33.61 -10.97 -6.33
CA TYR A 14 33.65 -11.99 -5.29
C TYR A 14 32.35 -11.92 -4.49
N LEU A 15 31.81 -13.08 -4.11
CA LEU A 15 30.66 -13.19 -3.24
C LEU A 15 31.06 -13.79 -1.90
N LYS A 16 30.54 -13.18 -0.83
CA LYS A 16 30.60 -13.68 0.52
C LYS A 16 29.16 -13.98 0.94
N VAL A 17 28.91 -15.26 1.23
CA VAL A 17 27.55 -15.71 1.44
C VAL A 17 27.50 -16.79 2.51
N LYS A 18 26.44 -16.70 3.31
CA LYS A 18 26.13 -17.66 4.34
C LYS A 18 24.63 -17.88 4.27
N GLY A 19 24.21 -19.16 4.28
CA GLY A 19 22.82 -19.53 4.34
C GLY A 19 22.33 -19.54 5.79
N LYS A 20 21.03 -19.29 5.98
CA LYS A 20 20.44 -19.27 7.32
C LYS A 20 20.47 -20.65 7.97
N THR A 21 20.36 -21.73 7.18
CA THR A 21 20.45 -23.10 7.69
C THR A 21 21.73 -23.80 7.26
N THR A 22 22.22 -23.56 6.03
CA THR A 22 23.42 -24.20 5.51
C THR A 22 24.71 -23.66 6.17
N GLY A 23 24.72 -22.39 6.61
CA GLY A 23 25.94 -21.73 7.05
C GLY A 23 26.79 -21.26 5.88
N GLU A 24 28.12 -21.13 6.07
CA GLU A 24 28.97 -20.47 5.10
C GLU A 24 29.06 -21.35 3.85
N ILE A 25 28.89 -20.72 2.68
CA ILE A 25 28.99 -21.37 1.38
C ILE A 25 30.25 -20.85 0.70
N LYS A 26 31.21 -21.75 0.41
CA LYS A 26 32.51 -21.41 -0.18
C LYS A 26 32.77 -22.22 -1.45
N GLY A 27 33.68 -21.74 -2.32
CA GLY A 27 34.23 -22.52 -3.44
C GLY A 27 35.46 -23.32 -3.01
N SER A 28 36.30 -23.74 -3.97
CA SER A 28 37.60 -24.33 -3.64
C SER A 28 38.41 -23.43 -2.72
N HIS A 34 41.31 -13.49 -1.27
CA HIS A 34 39.85 -13.32 -1.09
C HIS A 34 39.29 -14.52 -0.33
N ASP A 35 39.89 -14.85 0.84
CA ASP A 35 39.69 -16.14 1.49
C ASP A 35 38.24 -16.27 1.94
N GLY A 36 37.59 -17.40 1.60
CA GLY A 36 36.19 -17.62 1.94
C GLY A 36 35.20 -17.04 0.92
N LYS A 37 35.70 -16.29 -0.08
CA LYS A 37 34.84 -15.69 -1.10
C LYS A 37 34.82 -16.57 -2.36
N ILE A 38 33.66 -16.52 -3.06
CA ILE A 38 33.44 -17.26 -4.30
C ILE A 38 33.75 -16.33 -5.46
N HIS A 39 34.61 -16.76 -6.37
CA HIS A 39 34.91 -15.98 -7.57
C HIS A 39 33.69 -16.05 -8.49
N ILE A 40 33.16 -14.89 -8.89
CA ILE A 40 32.02 -14.77 -9.77
C ILE A 40 32.51 -14.32 -11.14
N LEU A 41 32.03 -14.98 -12.22
CA LEU A 41 32.48 -14.66 -13.57
C LEU A 41 31.81 -13.40 -14.11
N ALA A 42 30.51 -13.23 -13.80
CA ALA A 42 29.77 -12.07 -14.27
C ALA A 42 28.60 -11.82 -13.33
N PHE A 43 28.09 -10.57 -13.32
CA PHE A 43 26.90 -10.22 -12.55
C PHE A 43 26.04 -9.27 -13.38
N LYS A 44 24.75 -9.25 -13.03
CA LYS A 44 23.80 -8.29 -13.59
C LYS A 44 22.82 -7.97 -12.46
N ASN A 45 22.86 -6.74 -11.96
CA ASN A 45 21.88 -6.27 -10.99
C ASN A 45 20.79 -5.53 -11.77
N ASP A 46 19.53 -6.00 -11.64
CA ASP A 46 18.40 -5.52 -12.40
C ASP A 46 17.38 -5.03 -11.38
N TYR A 47 16.97 -3.77 -11.45
CA TYR A 47 16.04 -3.22 -10.46
C TYR A 47 14.97 -2.41 -11.20
N ASP A 48 13.70 -2.74 -10.96
CA ASP A 48 12.57 -2.17 -11.69
C ASP A 48 11.67 -1.45 -10.70
N MET A 49 11.25 -0.23 -11.07
CA MET A 49 10.30 0.55 -10.31
C MET A 49 9.21 1.02 -11.28
N PRO A 50 7.92 0.69 -11.08
CA PRO A 50 6.87 1.21 -11.97
C PRO A 50 6.80 2.75 -11.90
N ALA A 51 6.51 3.41 -13.03
CA ALA A 51 6.40 4.87 -13.04
C ALA A 51 5.24 5.33 -12.16
N ARG A 52 4.11 4.60 -12.25
CA ARG A 52 2.91 4.87 -11.46
C ARG A 52 2.92 3.94 -10.26
N LEU A 53 2.95 4.53 -9.04
CA LEU A 53 2.87 3.79 -7.79
C LEU A 53 1.40 3.60 -7.45
N GLN A 54 0.98 2.34 -7.31
CA GLN A 54 -0.40 2.02 -6.93
C GLN A 54 -0.70 2.78 -5.63
N GLU A 55 -1.91 3.39 -5.55
CA GLU A 55 -2.33 4.10 -4.35
C GLU A 55 -2.17 3.18 -3.13
N GLY A 56 -1.47 3.66 -2.10
CA GLY A 56 -1.31 2.96 -0.83
C GLY A 56 -0.27 1.85 -0.84
N LEU A 57 0.51 1.70 -1.94
CA LEU A 57 1.50 0.65 -2.04
C LEU A 57 2.90 1.19 -1.71
N THR A 58 3.66 0.43 -0.91
CA THR A 58 5.03 0.80 -0.60
C THR A 58 5.88 0.72 -1.86
N PRO A 59 6.87 1.61 -2.03
CA PRO A 59 7.89 1.43 -3.07
C PRO A 59 8.45 0.02 -3.15
N ALA A 60 8.84 -0.54 -1.99
CA ALA A 60 9.44 -1.87 -1.94
C ALA A 60 8.54 -2.93 -2.57
N ALA A 61 7.23 -2.91 -2.26
CA ALA A 61 6.34 -3.90 -2.81
C ALA A 61 6.12 -3.72 -4.32
N ALA A 62 6.25 -2.48 -4.82
CA ALA A 62 6.09 -2.18 -6.23
C ALA A 62 7.33 -2.61 -7.02
N ALA A 63 8.49 -2.50 -6.38
CA ALA A 63 9.79 -2.75 -7.00
C ALA A 63 10.08 -4.25 -7.15
N ARG A 64 11.00 -4.58 -8.08
CA ARG A 64 11.56 -5.91 -8.16
C ARG A 64 13.07 -5.76 -8.35
N GLY A 65 13.83 -6.24 -7.36
CA GLY A 65 15.28 -6.30 -7.46
C GLY A 65 15.74 -7.75 -7.61
N THR A 66 16.55 -8.02 -8.64
CA THR A 66 17.17 -9.33 -8.79
C THR A 66 18.62 -9.17 -9.20
N ILE A 67 19.49 -10.05 -8.71
CA ILE A 67 20.87 -10.03 -9.15
C ILE A 67 21.20 -11.43 -9.66
N THR A 68 21.77 -11.50 -10.88
CA THR A 68 22.09 -12.77 -11.51
C THR A 68 23.61 -12.91 -11.48
N LEU A 69 24.10 -14.03 -10.93
CA LEU A 69 25.52 -14.30 -10.81
C LEU A 69 25.86 -15.49 -11.72
N THR A 70 26.94 -15.35 -12.51
CA THR A 70 27.41 -16.42 -13.35
C THR A 70 28.71 -16.92 -12.74
N LYS A 71 28.84 -18.25 -12.60
CA LYS A 71 30.00 -18.81 -11.88
C LYS A 71 30.31 -20.20 -12.42
N GLU A 72 31.56 -20.64 -12.23
CA GLU A 72 31.92 -22.02 -12.52
C GLU A 72 31.20 -22.91 -11.50
N MET A 73 30.65 -24.05 -11.96
CA MET A 73 30.10 -25.03 -11.06
C MET A 73 31.24 -25.54 -10.18
N ASP A 74 30.98 -25.72 -8.88
CA ASP A 74 32.01 -26.04 -7.90
C ASP A 74 31.31 -26.63 -6.68
N ARG A 75 32.01 -26.67 -5.54
CA ARG A 75 31.51 -27.30 -4.32
C ARG A 75 30.35 -26.54 -3.69
N SER A 76 30.16 -25.27 -4.02
CA SER A 76 29.04 -24.48 -3.57
C SER A 76 27.77 -24.78 -4.37
N SER A 77 27.92 -25.35 -5.58
CA SER A 77 26.82 -25.60 -6.50
C SER A 77 25.72 -26.43 -5.84
N PRO A 78 26.02 -27.56 -5.12
CA PRO A 78 24.98 -28.30 -4.40
C PRO A 78 24.28 -27.47 -3.33
N GLN A 79 25.05 -26.59 -2.64
CA GLN A 79 24.51 -25.77 -1.56
C GLN A 79 23.47 -24.76 -2.05
N PHE A 80 23.79 -24.03 -3.13
CA PHE A 80 22.86 -23.14 -3.78
C PHE A 80 21.65 -23.88 -4.33
N LEU A 81 21.88 -25.03 -4.97
CA LEU A 81 20.79 -25.81 -5.56
C LEU A 81 19.80 -26.25 -4.47
N GLN A 82 20.32 -26.69 -3.32
CA GLN A 82 19.43 -27.07 -2.22
C GLN A 82 18.65 -25.88 -1.67
N ALA A 83 19.34 -24.75 -1.38
CA ALA A 83 18.71 -23.57 -0.83
C ALA A 83 17.53 -23.13 -1.70
N LEU A 84 17.72 -23.22 -3.03
CA LEU A 84 16.71 -22.85 -4.00
C LEU A 84 15.44 -23.65 -3.75
N GLY A 85 15.57 -24.99 -3.66
CA GLY A 85 14.40 -25.83 -3.50
C GLY A 85 13.75 -25.76 -2.11
N LYS A 86 14.53 -25.40 -1.08
CA LYS A 86 14.04 -25.33 0.29
C LYS A 86 13.62 -23.92 0.68
N ARG A 87 13.72 -22.94 -0.23
CA ARG A 87 13.47 -21.54 0.09
C ARG A 87 14.28 -21.07 1.30
N GLU A 88 15.55 -21.46 1.36
CA GLU A 88 16.42 -21.01 2.44
C GLU A 88 16.88 -19.61 2.13
N MET A 89 16.71 -18.69 3.09
N MET A 89 16.71 -18.69 3.09
CA MET A 89 17.21 -17.33 2.96
CA MET A 89 17.21 -17.33 2.97
C MET A 89 18.71 -17.28 3.23
C MET A 89 18.72 -17.29 3.23
N MET A 90 19.40 -16.37 2.53
CA MET A 90 20.80 -16.08 2.78
C MET A 90 20.87 -15.14 3.99
N GLU A 91 21.68 -15.49 4.99
CA GLU A 91 21.86 -14.70 6.19
C GLU A 91 22.82 -13.54 5.89
N GLU A 92 23.81 -13.81 5.03
CA GLU A 92 24.80 -12.84 4.60
C GLU A 92 24.92 -12.93 3.08
N PHE A 93 24.96 -11.77 2.43
CA PHE A 93 25.14 -11.74 1.00
C PHE A 93 25.82 -10.43 0.59
N GLU A 94 27.11 -10.51 0.29
CA GLU A 94 27.91 -9.33 -0.01
C GLU A 94 28.73 -9.59 -1.26
N ILE A 95 28.69 -8.65 -2.22
CA ILE A 95 29.49 -8.75 -3.43
C ILE A 95 30.55 -7.66 -3.40
N THR A 96 31.79 -8.04 -3.68
CA THR A 96 32.86 -7.04 -3.69
C THR A 96 33.56 -7.10 -5.03
N ILE A 97 33.87 -5.93 -5.61
CA ILE A 97 34.37 -5.86 -6.97
C ILE A 97 35.73 -5.16 -6.92
N TYR A 98 36.77 -5.82 -7.44
CA TYR A 98 38.15 -5.34 -7.39
C TYR A 98 38.64 -5.10 -8.82
N SER A 99 39.40 -4.01 -9.04
CA SER A 99 39.81 -3.64 -10.39
C SER A 99 41.15 -2.92 -10.37
N PRO A 100 41.97 -3.07 -11.45
CA PRO A 100 43.13 -2.20 -11.66
C PRO A 100 42.68 -0.81 -12.12
N THR A 111 43.74 -4.91 -8.13
CA THR A 111 44.56 -3.93 -7.37
C THR A 111 43.73 -3.41 -6.19
N GLU A 112 42.58 -2.75 -6.46
CA GLU A 112 41.87 -2.00 -5.43
C GLU A 112 40.37 -2.29 -5.50
N LEU A 113 39.75 -2.23 -4.35
CA LEU A 113 38.30 -2.33 -4.18
C LEU A 113 37.61 -1.14 -4.85
N LEU A 114 36.60 -1.44 -5.69
CA LEU A 114 35.83 -0.48 -6.43
C LEU A 114 34.47 -0.28 -5.78
N PHE A 115 33.72 -1.39 -5.62
CA PHE A 115 32.33 -1.38 -5.22
C PHE A 115 32.09 -2.50 -4.20
N THR A 116 31.21 -2.21 -3.24
CA THR A 116 30.64 -3.22 -2.35
C THR A 116 29.11 -3.19 -2.44
N TYR A 117 28.49 -4.33 -2.79
CA TYR A 117 27.06 -4.49 -2.67
C TYR A 117 26.72 -5.32 -1.44
N LYS A 118 25.62 -4.96 -0.76
CA LYS A 118 25.04 -5.83 0.24
C LYS A 118 23.55 -5.95 -0.03
N PHE A 119 22.99 -7.14 0.18
CA PHE A 119 21.58 -7.40 -0.07
C PHE A 119 20.95 -8.07 1.14
N GLU A 120 19.69 -7.69 1.44
CA GLU A 120 18.91 -8.29 2.49
C GLU A 120 17.73 -9.09 1.95
N LYS A 121 17.29 -10.05 2.78
CA LYS A 121 16.13 -10.89 2.49
C LYS A 121 16.33 -11.59 1.14
N VAL A 122 17.52 -12.19 1.00
CA VAL A 122 17.95 -12.79 -0.25
C VAL A 122 17.39 -14.22 -0.35
N LEU A 123 16.63 -14.46 -1.42
CA LEU A 123 16.13 -15.78 -1.77
C LEU A 123 16.60 -16.13 -3.17
N ILE A 124 17.03 -17.38 -3.37
CA ILE A 124 17.36 -17.82 -4.71
C ILE A 124 16.02 -18.11 -5.41
N THR A 125 15.88 -17.61 -6.64
CA THR A 125 14.64 -17.78 -7.38
C THR A 125 14.83 -18.51 -8.69
N HIS A 126 16.07 -18.68 -9.17
CA HIS A 126 16.24 -19.43 -10.40
C HIS A 126 17.68 -19.90 -10.49
N MET A 127 17.89 -21.14 -10.95
CA MET A 127 19.22 -21.60 -11.33
C MET A 127 19.16 -22.29 -12.69
N ASP A 128 20.19 -22.06 -13.51
CA ASP A 128 20.47 -22.89 -14.65
C ASP A 128 21.92 -23.36 -14.55
N GLN A 129 22.11 -24.66 -14.68
CA GLN A 129 23.44 -25.26 -14.65
C GLN A 129 23.61 -25.98 -15.96
N TYR A 130 24.79 -25.85 -16.58
CA TYR A 130 24.90 -26.39 -17.90
C TYR A 130 26.34 -26.68 -18.25
N SER A 131 26.44 -27.58 -19.23
CA SER A 131 27.70 -28.08 -19.76
C SER A 131 28.22 -27.14 -20.84
N PRO A 132 29.47 -27.33 -21.35
CA PRO A 132 29.91 -26.65 -22.58
C PRO A 132 29.08 -27.11 -23.79
N THR A 133 28.91 -26.21 -24.77
CA THR A 133 28.06 -26.45 -25.93
C THR A 133 28.59 -25.68 -27.13
N GLY A 148 33.89 -24.36 -19.16
CA GLY A 148 33.57 -25.67 -18.52
C GLY A 148 32.09 -25.74 -18.11
N TYR A 149 31.83 -26.31 -16.92
CA TYR A 149 30.49 -26.37 -16.33
C TYR A 149 30.20 -25.04 -15.64
N ILE A 150 29.07 -24.40 -16.01
CA ILE A 150 28.72 -23.05 -15.62
C ILE A 150 27.30 -23.06 -15.04
N GLU A 151 27.08 -22.18 -14.09
CA GLU A 151 25.72 -21.92 -13.61
C GLU A 151 25.43 -20.43 -13.53
N GLU A 152 24.17 -20.11 -13.80
CA GLU A 152 23.59 -18.78 -13.64
C GLU A 152 22.62 -18.87 -12.46
N ILE A 153 22.81 -18.04 -11.42
CA ILE A 153 21.98 -18.10 -10.26
C ILE A 153 21.32 -16.72 -10.09
N LYS A 154 19.99 -16.69 -9.96
CA LYS A 154 19.24 -15.45 -9.82
C LYS A 154 18.69 -15.40 -8.40
N PHE A 155 18.95 -14.27 -7.74
CA PHE A 155 18.60 -14.01 -6.36
C PHE A 155 17.67 -12.81 -6.33
N THR A 156 16.57 -12.93 -5.60
CA THR A 156 15.68 -11.82 -5.39
C THR A 156 15.96 -11.29 -3.99
N TYR A 157 15.84 -9.98 -3.81
CA TYR A 157 16.18 -9.35 -2.55
C TYR A 157 15.18 -8.23 -2.26
N SER A 158 15.26 -7.72 -1.03
CA SER A 158 14.49 -6.56 -0.59
C SER A 158 15.44 -5.40 -0.38
N GLY A 159 16.04 -5.29 0.80
CA GLY A 159 16.97 -4.19 1.06
C GLY A 159 18.26 -4.36 0.27
N TYR A 160 18.85 -3.23 -0.11
CA TYR A 160 20.13 -3.27 -0.79
C TYR A 160 20.98 -2.07 -0.39
N SER A 161 22.28 -2.21 -0.63
CA SER A 161 23.28 -1.17 -0.45
C SER A 161 24.34 -1.31 -1.54
N LEU A 162 24.82 -0.18 -2.06
CA LEU A 162 25.97 -0.12 -2.96
C LEU A 162 26.86 1.01 -2.46
N GLU A 163 28.16 0.76 -2.37
N GLU A 163 28.16 0.75 -2.34
CA GLU A 163 29.13 1.72 -1.84
CA GLU A 163 29.10 1.76 -1.88
C GLU A 163 30.31 1.79 -2.79
C GLU A 163 30.30 1.80 -2.80
N HIS A 164 30.60 3.01 -3.32
CA HIS A 164 31.80 3.34 -4.10
C HIS A 164 32.95 3.52 -3.12
N ALA A 165 33.96 2.62 -3.21
CA ALA A 165 34.95 2.50 -2.14
C ALA A 165 35.84 3.75 -2.08
N GLU A 166 36.50 4.11 -3.21
CA GLU A 166 37.44 5.23 -3.26
C GLU A 166 36.80 6.50 -2.64
N SER A 167 35.55 6.79 -2.99
CA SER A 167 34.87 8.03 -2.63
C SER A 167 34.11 7.89 -1.31
N GLY A 168 33.62 6.68 -0.98
CA GLY A 168 32.75 6.45 0.16
C GLY A 168 31.28 6.79 -0.08
N ILE A 169 30.90 7.22 -1.29
CA ILE A 169 29.50 7.53 -1.58
C ILE A 169 28.74 6.20 -1.58
N ALA A 170 27.60 6.16 -0.89
CA ALA A 170 26.83 4.95 -0.72
C ALA A 170 25.38 5.25 -1.02
N GLY A 171 24.63 4.24 -1.42
CA GLY A 171 23.19 4.35 -1.50
C GLY A 171 22.55 3.08 -0.96
N ALA A 172 21.36 3.23 -0.40
CA ALA A 172 20.64 2.10 0.14
C ALA A 172 19.15 2.41 0.13
N ALA A 173 18.33 1.36 0.00
CA ALA A 173 16.89 1.47 0.17
C ALA A 173 16.33 0.21 0.84
N ASN A 174 15.22 0.38 1.55
CA ASN A 174 14.49 -0.72 2.18
C ASN A 174 15.39 -1.52 3.14
N TRP A 175 16.38 -0.87 3.75
CA TRP A 175 17.40 -1.54 4.51
C TRP A 175 16.92 -1.71 5.95
N LYS A 176 17.34 -2.81 6.59
CA LYS A 176 16.90 -3.35 7.88
C LYS A 176 15.40 -3.10 8.11
N LEU B 10 -36.48 16.36 17.24
CA LEU B 10 -37.34 15.35 16.54
C LEU B 10 -36.49 14.13 16.16
N ALA B 11 -37.13 12.96 16.13
CA ALA B 11 -36.43 11.68 15.93
C ALA B 11 -36.04 11.51 14.46
N GLY B 12 -34.98 10.74 14.22
CA GLY B 12 -34.56 10.36 12.87
C GLY B 12 -33.10 10.71 12.57
N ILE B 13 -32.79 10.70 11.25
CA ILE B 13 -31.44 10.80 10.72
C ILE B 13 -31.31 12.18 10.12
N TYR B 14 -30.22 12.88 10.45
CA TYR B 14 -29.98 14.23 9.96
C TYR B 14 -28.55 14.33 9.46
N LEU B 15 -28.36 15.08 8.37
CA LEU B 15 -27.05 15.31 7.78
C LEU B 15 -26.73 16.79 7.90
N LYS B 16 -25.49 17.05 8.30
CA LYS B 16 -24.86 18.36 8.29
C LYS B 16 -23.69 18.27 7.33
N VAL B 17 -23.73 19.08 6.27
CA VAL B 17 -22.79 18.95 5.18
C VAL B 17 -22.48 20.33 4.61
N LYS B 18 -21.22 20.50 4.25
CA LYS B 18 -20.69 21.69 3.63
C LYS B 18 -19.79 21.22 2.50
N GLY B 19 -19.98 21.78 1.30
CA GLY B 19 -19.08 21.55 0.20
C GLY B 19 -17.85 22.46 0.25
N LYS B 20 -16.73 21.98 -0.32
CA LYS B 20 -15.48 22.72 -0.31
C LYS B 20 -15.59 24.00 -1.15
N THR B 21 -16.42 23.99 -2.21
CA THR B 21 -16.66 25.17 -3.04
C THR B 21 -18.08 25.72 -2.85
N THR B 22 -19.09 24.87 -2.70
CA THR B 22 -20.48 25.28 -2.57
C THR B 22 -20.76 25.92 -1.20
N GLY B 23 -20.02 25.55 -0.14
CA GLY B 23 -20.32 25.93 1.22
C GLY B 23 -21.47 25.09 1.79
N GLU B 24 -22.20 25.63 2.78
CA GLU B 24 -23.22 24.86 3.50
C GLU B 24 -24.34 24.45 2.54
N ILE B 25 -24.70 23.16 2.55
CA ILE B 25 -25.80 22.61 1.76
C ILE B 25 -26.91 22.23 2.74
N LYS B 26 -28.07 22.89 2.63
CA LYS B 26 -29.19 22.80 3.56
C LYS B 26 -30.49 22.53 2.80
N GLY B 27 -31.49 22.00 3.51
CA GLY B 27 -32.86 21.86 3.02
C GLY B 27 -33.65 23.12 3.35
N SER B 28 -34.98 23.08 3.20
CA SER B 28 -35.84 24.14 3.72
C SER B 28 -35.64 24.22 5.23
N VAL B 29 -35.41 25.42 5.78
CA VAL B 29 -35.26 25.56 7.23
C VAL B 29 -36.66 25.67 7.84
N VAL B 30 -37.38 24.53 7.97
CA VAL B 30 -38.79 24.51 8.36
C VAL B 30 -38.95 23.90 9.77
N GLN B 31 -38.43 22.70 10.01
CA GLN B 31 -38.59 22.05 11.31
C GLN B 31 -37.69 22.77 12.32
N GLU B 32 -37.94 22.56 13.62
CA GLU B 32 -37.10 23.11 14.70
C GLU B 32 -36.23 22.01 15.29
N GLY B 33 -35.11 22.42 15.93
CA GLY B 33 -34.31 21.53 16.76
C GLY B 33 -33.25 20.72 16.02
N HIS B 34 -33.08 20.94 14.69
CA HIS B 34 -32.01 20.34 13.88
C HIS B 34 -31.47 21.38 12.90
N ASP B 35 -30.82 22.43 13.45
CA ASP B 35 -30.58 23.67 12.73
C ASP B 35 -29.58 23.47 11.60
N GLY B 36 -29.97 23.86 10.37
CA GLY B 36 -29.15 23.71 9.18
C GLY B 36 -28.84 22.24 8.81
N LYS B 37 -29.74 21.30 9.19
CA LYS B 37 -29.55 19.87 8.92
C LYS B 37 -30.63 19.36 7.95
N ILE B 38 -30.24 18.39 7.10
CA ILE B 38 -31.12 17.79 6.10
C ILE B 38 -31.70 16.51 6.71
N HIS B 39 -33.02 16.37 6.67
CA HIS B 39 -33.67 15.16 7.14
C HIS B 39 -33.41 14.06 6.12
N ILE B 40 -32.86 12.94 6.59
CA ILE B 40 -32.55 11.76 5.77
C ILE B 40 -33.56 10.67 6.09
N LEU B 41 -34.16 10.04 5.05
CA LEU B 41 -35.18 9.03 5.25
C LEU B 41 -34.58 7.68 5.64
N ALA B 42 -33.41 7.32 5.08
CA ALA B 42 -32.76 6.06 5.39
C ALA B 42 -31.28 6.19 5.08
N PHE B 43 -30.44 5.32 5.69
CA PHE B 43 -29.02 5.27 5.39
C PHE B 43 -28.57 3.81 5.36
N LYS B 44 -27.45 3.58 4.66
CA LYS B 44 -26.75 2.32 4.68
C LYS B 44 -25.26 2.63 4.62
N ASN B 45 -24.55 2.34 5.70
CA ASN B 45 -23.09 2.43 5.70
C ASN B 45 -22.54 1.04 5.39
N ASP B 46 -21.73 0.96 4.33
CA ASP B 46 -21.21 -0.30 3.82
C ASP B 46 -19.69 -0.16 3.82
N TYR B 47 -18.98 -1.03 4.54
CA TYR B 47 -17.53 -0.96 4.61
C TYR B 47 -16.94 -2.36 4.38
N ASP B 48 -15.99 -2.45 3.44
CA ASP B 48 -15.43 -3.71 3.03
C ASP B 48 -13.93 -3.70 3.30
N MET B 49 -13.41 -4.80 3.86
CA MET B 49 -11.99 -5.04 4.00
C MET B 49 -11.66 -6.42 3.44
N PRO B 50 -10.76 -6.57 2.45
CA PRO B 50 -10.36 -7.90 1.98
C PRO B 50 -9.73 -8.71 3.11
N ALA B 51 -9.99 -10.03 3.15
CA ALA B 51 -9.39 -10.88 4.18
C ALA B 51 -7.86 -10.91 4.02
N ARG B 52 -7.39 -11.01 2.77
CA ARG B 52 -5.98 -11.02 2.43
C ARG B 52 -5.56 -9.61 2.04
N LEU B 53 -4.58 -9.05 2.77
CA LEU B 53 -4.04 -7.72 2.49
C LEU B 53 -2.87 -7.88 1.50
N GLN B 54 -2.97 -7.24 0.33
CA GLN B 54 -1.90 -7.24 -0.65
C GLN B 54 -0.61 -6.81 0.04
N GLU B 55 0.49 -7.51 -0.26
CA GLU B 55 1.79 -7.16 0.30
C GLU B 55 2.11 -5.69 0.03
N GLY B 56 2.45 -4.94 1.10
CA GLY B 56 2.83 -3.55 1.05
C GLY B 56 1.68 -2.55 0.85
N LEU B 57 0.42 -3.02 0.96
CA LEU B 57 -0.73 -2.16 0.74
C LEU B 57 -1.28 -1.68 2.09
N THR B 58 -1.60 -0.38 2.19
CA THR B 58 -2.24 0.14 3.38
C THR B 58 -3.64 -0.44 3.49
N PRO B 59 -4.11 -0.71 4.73
CA PRO B 59 -5.52 -1.03 4.93
C PRO B 59 -6.48 -0.06 4.28
N ALA B 60 -6.23 1.25 4.39
CA ALA B 60 -7.09 2.26 3.79
C ALA B 60 -7.28 2.06 2.29
N ALA B 61 -6.20 1.80 1.55
CA ALA B 61 -6.28 1.63 0.12
C ALA B 61 -6.98 0.32 -0.25
N ALA B 62 -6.92 -0.69 0.64
CA ALA B 62 -7.56 -1.98 0.40
C ALA B 62 -9.07 -1.88 0.64
N ALA B 63 -9.45 -1.04 1.61
CA ALA B 63 -10.82 -0.91 2.06
C ALA B 63 -11.67 -0.05 1.11
N ARG B 64 -13.00 -0.25 1.17
CA ARG B 64 -13.95 0.57 0.44
C ARG B 64 -15.08 0.91 1.40
N GLY B 65 -15.22 2.19 1.75
CA GLY B 65 -16.31 2.68 2.57
C GLY B 65 -17.26 3.54 1.74
N THR B 66 -18.55 3.24 1.77
CA THR B 66 -19.56 4.08 1.12
C THR B 66 -20.76 4.20 2.04
N ILE B 67 -21.39 5.36 2.05
CA ILE B 67 -22.65 5.52 2.77
C ILE B 67 -23.69 6.02 1.77
N THR B 68 -24.86 5.37 1.76
CA THR B 68 -25.93 5.71 0.84
C THR B 68 -27.04 6.35 1.67
N LEU B 69 -27.43 7.58 1.31
CA LEU B 69 -28.49 8.32 1.95
C LEU B 69 -29.71 8.40 1.04
N THR B 70 -30.89 8.10 1.59
CA THR B 70 -32.14 8.22 0.87
C THR B 70 -32.88 9.41 1.42
N LYS B 71 -33.40 10.29 0.57
CA LYS B 71 -34.00 11.55 1.04
C LYS B 71 -35.04 12.02 0.03
N GLU B 72 -35.97 12.86 0.50
CA GLU B 72 -36.90 13.53 -0.41
C GLU B 72 -36.11 14.55 -1.22
N MET B 73 -36.39 14.65 -2.52
CA MET B 73 -35.80 15.67 -3.34
C MET B 73 -36.24 17.04 -2.80
N ASP B 74 -35.31 17.99 -2.78
CA ASP B 74 -35.53 19.27 -2.11
C ASP B 74 -34.52 20.27 -2.66
N ARG B 75 -34.28 21.39 -1.95
CA ARG B 75 -33.41 22.45 -2.44
C ARG B 75 -31.94 22.08 -2.40
N SER B 76 -31.57 21.02 -1.64
CA SER B 76 -30.21 20.53 -1.64
C SER B 76 -29.94 19.63 -2.85
N SER B 77 -31.02 19.12 -3.49
CA SER B 77 -30.91 18.17 -4.61
C SER B 77 -30.06 18.75 -5.74
N PRO B 78 -30.26 20.03 -6.17
CA PRO B 78 -29.37 20.61 -7.16
C PRO B 78 -27.92 20.71 -6.74
N GLN B 79 -27.70 20.98 -5.41
CA GLN B 79 -26.34 21.16 -4.90
C GLN B 79 -25.52 19.87 -4.89
N PHE B 80 -26.15 18.77 -4.44
CA PHE B 80 -25.55 17.46 -4.50
C PHE B 80 -25.30 17.02 -5.93
N LEU B 81 -26.28 17.24 -6.81
CA LEU B 81 -26.14 16.84 -8.21
C LEU B 81 -24.96 17.55 -8.86
N GLN B 82 -24.80 18.85 -8.59
CA GLN B 82 -23.66 19.57 -9.13
C GLN B 82 -22.32 19.06 -8.60
N ALA B 83 -22.22 18.94 -7.26
CA ALA B 83 -20.99 18.45 -6.62
C ALA B 83 -20.55 17.12 -7.21
N LEU B 84 -21.53 16.24 -7.50
CA LEU B 84 -21.26 14.94 -8.10
C LEU B 84 -20.52 15.10 -9.42
N GLY B 85 -21.04 15.94 -10.31
CA GLY B 85 -20.43 16.16 -11.62
C GLY B 85 -19.09 16.90 -11.61
N LYS B 86 -18.87 17.77 -10.61
CA LYS B 86 -17.68 18.56 -10.48
C LYS B 86 -16.63 17.90 -9.59
N ARG B 87 -16.93 16.71 -9.03
CA ARG B 87 -16.04 16.05 -8.07
C ARG B 87 -15.67 17.01 -6.93
N GLU B 88 -16.66 17.75 -6.44
CA GLU B 88 -16.44 18.60 -5.30
C GLU B 88 -16.47 17.75 -4.04
N MET B 89 -15.42 17.89 -3.21
N MET B 89 -15.42 17.88 -3.21
CA MET B 89 -15.34 17.19 -1.94
CA MET B 89 -15.37 17.22 -1.92
C MET B 89 -16.18 17.92 -0.91
C MET B 89 -16.30 17.93 -0.95
N MET B 90 -16.77 17.15 0.02
CA MET B 90 -17.49 17.69 1.16
C MET B 90 -16.42 18.04 2.20
N GLU B 91 -16.46 19.28 2.68
CA GLU B 91 -15.53 19.78 3.69
C GLU B 91 -15.95 19.29 5.06
N GLU B 92 -17.28 19.17 5.27
CA GLU B 92 -17.89 18.69 6.50
C GLU B 92 -18.95 17.66 6.12
N PHE B 93 -18.99 16.55 6.86
CA PHE B 93 -20.03 15.57 6.63
C PHE B 93 -20.33 14.82 7.92
N GLU B 94 -21.45 15.13 8.55
CA GLU B 94 -21.76 14.60 9.87
C GLU B 94 -23.20 14.10 9.84
N ILE B 95 -23.42 12.85 10.29
CA ILE B 95 -24.75 12.29 10.40
C ILE B 95 -25.09 12.11 11.87
N THR B 96 -26.27 12.55 12.25
CA THR B 96 -26.68 12.43 13.66
C THR B 96 -28.02 11.73 13.67
N ILE B 97 -28.14 10.77 14.58
CA ILE B 97 -29.30 9.89 14.63
C ILE B 97 -29.92 10.08 16.00
N TYR B 98 -31.22 10.41 16.00
CA TYR B 98 -31.96 10.71 17.21
C TYR B 98 -33.07 9.68 17.35
N SER B 99 -33.29 9.16 18.57
CA SER B 99 -34.35 8.19 18.78
C SER B 99 -34.85 8.28 20.23
N PRO B 100 -36.15 8.01 20.50
CA PRO B 100 -36.65 7.85 21.86
C PRO B 100 -36.21 6.53 22.46
N THR B 111 -36.90 12.06 23.02
CA THR B 111 -35.98 11.75 21.89
C THR B 111 -34.60 12.36 22.17
N GLU B 112 -33.54 11.56 21.96
CA GLU B 112 -32.17 11.94 22.29
C GLU B 112 -31.21 11.44 21.23
N LEU B 113 -30.02 12.06 21.18
CA LEU B 113 -28.93 11.63 20.32
C LEU B 113 -28.47 10.21 20.67
N LEU B 114 -28.41 9.33 19.64
CA LEU B 114 -28.00 7.94 19.76
C LEU B 114 -26.61 7.77 19.19
N PHE B 115 -26.40 8.22 17.94
CA PHE B 115 -25.18 8.00 17.19
C PHE B 115 -24.80 9.28 16.45
N THR B 116 -23.48 9.51 16.35
CA THR B 116 -22.89 10.51 15.48
C THR B 116 -21.86 9.84 14.56
N TYR B 117 -22.08 9.96 13.24
CA TYR B 117 -21.05 9.59 12.27
C TYR B 117 -20.35 10.84 11.76
N LYS B 118 -19.04 10.75 11.53
CA LYS B 118 -18.31 11.77 10.81
C LYS B 118 -17.47 11.09 9.76
N PHE B 119 -17.44 11.67 8.54
CA PHE B 119 -16.66 11.11 7.47
C PHE B 119 -15.72 12.15 6.87
N GLU B 120 -14.51 11.71 6.50
CA GLU B 120 -13.53 12.56 5.84
C GLU B 120 -13.33 12.15 4.38
N LYS B 121 -12.84 13.11 3.59
CA LYS B 121 -12.52 12.94 2.19
C LYS B 121 -13.72 12.38 1.44
N VAL B 122 -14.86 13.03 1.64
CA VAL B 122 -16.14 12.58 1.12
C VAL B 122 -16.30 13.08 -0.31
N LEU B 123 -16.53 12.14 -1.23
CA LEU B 123 -16.87 12.42 -2.61
C LEU B 123 -18.20 11.76 -2.93
N ILE B 124 -19.07 12.48 -3.63
CA ILE B 124 -20.30 11.85 -4.12
C ILE B 124 -19.91 11.00 -5.31
N THR B 125 -20.37 9.74 -5.34
CA THR B 125 -20.00 8.82 -6.41
C THR B 125 -21.20 8.31 -7.20
N HIS B 126 -22.42 8.48 -6.69
CA HIS B 126 -23.57 8.04 -7.44
C HIS B 126 -24.82 8.74 -6.92
N MET B 127 -25.68 9.18 -7.85
CA MET B 127 -27.04 9.62 -7.46
C MET B 127 -28.07 8.96 -8.37
N ASP B 128 -29.21 8.59 -7.78
CA ASP B 128 -30.41 8.25 -8.51
C ASP B 128 -31.54 9.09 -7.96
N GLN B 129 -32.21 9.80 -8.86
CA GLN B 129 -33.35 10.63 -8.49
C GLN B 129 -34.53 10.08 -9.25
N TYR B 130 -35.68 9.96 -8.61
CA TYR B 130 -36.77 9.31 -9.31
C TYR B 130 -38.10 9.73 -8.73
N SER B 131 -39.10 9.55 -9.59
CA SER B 131 -40.49 9.89 -9.31
C SER B 131 -41.19 8.74 -8.58
N PRO B 132 -42.44 8.90 -8.09
CA PRO B 132 -43.22 7.74 -7.62
C PRO B 132 -43.53 6.78 -8.77
N THR B 133 -43.65 5.47 -8.43
CA THR B 133 -43.68 4.38 -9.40
C THR B 133 -44.44 3.19 -8.83
N GLY B 148 -43.16 10.59 -2.68
CA GLY B 148 -43.00 11.64 -3.71
C GLY B 148 -41.72 11.44 -4.52
N TYR B 149 -41.03 12.53 -4.82
CA TYR B 149 -39.75 12.56 -5.53
C TYR B 149 -38.63 12.29 -4.54
N ILE B 150 -37.83 11.25 -4.83
CA ILE B 150 -36.86 10.65 -3.90
C ILE B 150 -35.52 10.60 -4.62
N GLU B 151 -34.47 10.70 -3.83
CA GLU B 151 -33.12 10.45 -4.36
C GLU B 151 -32.31 9.61 -3.38
N GLU B 152 -31.45 8.77 -3.97
CA GLU B 152 -30.47 7.97 -3.28
C GLU B 152 -29.11 8.54 -3.64
N ILE B 153 -28.33 8.94 -2.65
CA ILE B 153 -27.01 9.51 -2.87
C ILE B 153 -25.96 8.63 -2.21
N LYS B 154 -24.95 8.21 -2.97
CA LYS B 154 -23.88 7.38 -2.47
C LYS B 154 -22.61 8.22 -2.41
N PHE B 155 -21.99 8.20 -1.21
CA PHE B 155 -20.80 8.98 -0.92
C PHE B 155 -19.68 8.00 -0.59
N THR B 156 -18.50 8.22 -1.15
CA THR B 156 -17.34 7.44 -0.81
C THR B 156 -16.48 8.27 0.13
N TYR B 157 -15.78 7.63 1.08
CA TYR B 157 -15.03 8.34 2.10
C TYR B 157 -13.74 7.58 2.42
N SER B 158 -12.86 8.26 3.18
CA SER B 158 -11.63 7.67 3.69
C SER B 158 -11.73 7.50 5.20
N GLY B 159 -11.44 8.56 5.94
CA GLY B 159 -11.51 8.50 7.39
C GLY B 159 -12.97 8.48 7.85
N TYR B 160 -13.22 7.81 8.98
CA TYR B 160 -14.55 7.77 9.53
C TYR B 160 -14.48 7.73 11.06
N SER B 161 -15.59 8.13 11.67
CA SER B 161 -15.78 8.06 13.10
C SER B 161 -17.24 7.73 13.36
N LEU B 162 -17.50 6.84 14.34
CA LEU B 162 -18.84 6.59 14.85
C LEU B 162 -18.73 6.71 16.37
N GLU B 163 -19.67 7.44 16.97
CA GLU B 163 -19.67 7.66 18.40
C GLU B 163 -21.07 7.36 18.92
N HIS B 164 -21.14 6.43 19.89
CA HIS B 164 -22.32 6.04 20.64
C HIS B 164 -22.51 7.09 21.74
N ALA B 165 -23.59 7.86 21.68
CA ALA B 165 -23.67 9.10 22.46
C ALA B 165 -23.81 8.81 23.95
N GLU B 166 -24.78 7.95 24.32
CA GLU B 166 -25.08 7.63 25.72
C GLU B 166 -23.79 7.20 26.42
N SER B 167 -23.02 6.32 25.78
CA SER B 167 -21.83 5.72 26.35
C SER B 167 -20.57 6.54 26.09
N GLY B 168 -20.51 7.30 24.99
CA GLY B 168 -19.34 8.04 24.58
C GLY B 168 -18.26 7.16 23.95
N ILE B 169 -18.52 5.84 23.71
CA ILE B 169 -17.53 5.02 23.04
C ILE B 169 -17.51 5.50 21.60
N ALA B 170 -16.30 5.63 21.06
CA ALA B 170 -16.09 6.07 19.70
C ALA B 170 -15.12 5.10 19.05
N GLY B 171 -15.31 4.89 17.75
CA GLY B 171 -14.33 4.23 16.96
C GLY B 171 -14.04 5.02 15.71
N ALA B 172 -12.82 4.88 15.22
CA ALA B 172 -12.37 5.69 14.10
C ALA B 172 -11.21 5.00 13.44
N ALA B 173 -11.08 5.19 12.11
CA ALA B 173 -9.90 4.76 11.39
C ALA B 173 -9.58 5.72 10.26
N ASN B 174 -8.29 5.76 9.87
CA ASN B 174 -7.78 6.56 8.77
C ASN B 174 -8.15 8.03 8.92
N TRP B 175 -8.21 8.49 10.18
CA TRP B 175 -8.71 9.81 10.51
C TRP B 175 -7.55 10.80 10.44
N LYS B 176 -7.85 12.04 10.04
CA LYS B 176 -6.87 13.12 9.93
C LYS B 176 -7.26 14.23 10.92
N ASN B 177 -6.39 14.51 11.89
CA ASN B 177 -6.49 15.71 12.73
C ASN B 177 -5.62 16.80 12.11
S SO4 C . 6.07 0.89 -15.89
O1 SO4 C . 6.84 2.05 -15.47
O2 SO4 C . 4.87 0.80 -15.10
O3 SO4 C . 5.72 1.01 -17.29
O4 SO4 C . 6.87 -0.30 -15.71
S SO4 D . 35.83 -26.81 -6.67
O1 SO4 D . 35.91 -25.48 -6.11
O2 SO4 D . 34.60 -27.41 -6.27
O3 SO4 D . 35.87 -26.73 -8.10
O4 SO4 D . 36.94 -27.62 -6.25
S SO4 E . -12.53 -10.95 0.28
O1 SO4 E . -12.33 -11.07 1.72
O2 SO4 E . -11.25 -10.77 -0.37
O3 SO4 E . -13.14 -12.15 -0.24
O4 SO4 E . -13.37 -9.82 0.00
S SO4 F . -37.82 22.19 -0.22
O1 SO4 F . -36.41 22.44 -0.21
O2 SO4 F . -38.21 21.39 -1.35
O3 SO4 F . -38.21 21.53 1.01
O4 SO4 F . -38.54 23.43 -0.33
#